data_4YQ3
#
_entry.id   4YQ3
#
_cell.length_a   98.062
_cell.length_b   98.062
_cell.length_c   176.131
_cell.angle_alpha   90.000
_cell.angle_beta   90.000
_cell.angle_gamma   120.000
#
_symmetry.space_group_name_H-M   'H 3 2'
#
loop_
_entity.id
_entity.type
_entity.pdbx_description
1 polymer 'tRNA (guanine-N(1)-)-methyltransferase'
2 non-polymer N-(1-{[(3-methylbenzoyl)amino]methyl}cyclopentyl)-2,1-benzoxazole-4-carboxamide
3 water water
#
_entity_poly.entity_id   1
_entity_poly.type   'polypeptide(L)'
_entity_poly.pdbx_seq_one_letter_code
;GLVPRGSHMWIGVISLFPEMFKAITEFGVTGRAVKHNLLKVECWNPRDFTFDKHKTVDDRPYGGGPGMLMMVQPLRDAIH
TAKAAAGEGAKVIYLSPQGRKLDQGGVTELAQNQKLILVCGRYEGIDERLIQTEIDEEWSIGDYVLTGGELPAMTLIDAV
ARFIPGVLGKQASAEEDSFADGLLDCPHYTRPEVLEGLTVPPVLMSGHHEEIRKWRLKQSLQRTWLRRPELLEGLALTDE
QRKLLKEAQAEHNS
;
_entity_poly.pdbx_strand_id   A
#
loop_
_chem_comp.id
_chem_comp.type
_chem_comp.name
_chem_comp.formula
4G1 non-polymer N-(1-{[(3-methylbenzoyl)amino]methyl}cyclopentyl)-2,1-benzoxazole-4-carboxamide 'C22 H23 N3 O3'
#
# COMPACT_ATOMS: atom_id res chain seq x y z
N GLY A 1 26.11 -7.72 9.30
CA GLY A 1 25.04 -6.99 8.66
C GLY A 1 25.44 -6.43 7.31
N LEU A 2 24.67 -6.76 6.27
CA LEU A 2 24.91 -6.27 4.93
C LEU A 2 24.20 -4.95 4.69
N VAL A 3 23.12 -4.72 5.44
CA VAL A 3 22.30 -3.53 5.27
C VAL A 3 22.75 -2.43 6.22
N PRO A 4 23.01 -1.23 5.69
CA PRO A 4 23.47 -0.10 6.51
C PRO A 4 22.43 0.35 7.53
N ARG A 5 22.91 0.84 8.67
CA ARG A 5 22.01 1.36 9.70
C ARG A 5 21.37 2.67 9.25
N GLY A 6 20.11 2.87 9.62
CA GLY A 6 19.40 4.08 9.24
C GLY A 6 18.64 3.94 7.94
N SER A 7 18.60 2.72 7.43
CA SER A 7 17.85 2.45 6.21
C SER A 7 16.57 1.67 6.53
N HIS A 8 16.44 1.26 7.79
CA HIS A 8 15.24 0.58 8.26
C HIS A 8 14.07 1.54 8.20
N MET A 9 12.86 1.01 8.09
CA MET A 9 11.68 1.85 7.99
C MET A 9 10.84 1.76 9.25
N TRP A 10 10.43 2.91 9.76
CA TRP A 10 9.60 2.97 10.95
C TRP A 10 8.21 3.50 10.59
N ILE A 11 7.18 2.77 11.00
CA ILE A 11 5.82 3.17 10.69
C ILE A 11 4.96 3.19 11.94
N GLY A 12 4.59 4.39 12.36
CA GLY A 12 3.68 4.55 13.48
C GLY A 12 2.25 4.44 13.00
N VAL A 13 1.42 3.77 13.78
CA VAL A 13 0.03 3.55 13.41
C VAL A 13 -0.92 4.02 14.50
N ILE A 14 -1.89 4.84 14.12
CA ILE A 14 -2.95 5.23 15.04
C ILE A 14 -4.23 4.50 14.67
N SER A 15 -4.71 3.66 15.58
CA SER A 15 -5.88 2.84 15.30
C SER A 15 -6.63 2.41 16.55
N LEU A 16 -7.94 2.31 16.46
CA LEU A 16 -8.76 1.79 17.54
C LEU A 16 -8.63 0.28 17.66
N PHE A 17 -8.07 -0.36 16.64
CA PHE A 17 -7.88 -1.80 16.67
C PHE A 17 -6.45 -2.20 16.29
N PRO A 18 -5.50 -2.01 17.21
CA PRO A 18 -4.08 -2.33 17.00
C PRO A 18 -3.82 -3.79 16.64
N GLU A 19 -4.58 -4.72 17.23
CA GLU A 19 -4.34 -6.14 17.01
C GLU A 19 -4.60 -6.59 15.57
N MET A 20 -5.33 -5.78 14.80
CA MET A 20 -5.52 -6.06 13.39
C MET A 20 -4.20 -6.10 12.64
N PHE A 21 -3.22 -5.36 13.13
CA PHE A 21 -1.97 -5.17 12.39
C PHE A 21 -1.02 -6.34 12.56
N LYS A 22 -1.44 -7.34 13.32
CA LYS A 22 -0.72 -8.61 13.37
C LYS A 22 -0.78 -9.27 11.99
N ALA A 23 -1.80 -8.93 11.22
CA ALA A 23 -1.94 -9.49 9.88
C ALA A 23 -0.74 -9.16 8.98
N ILE A 24 -0.06 -8.05 9.22
CA ILE A 24 1.12 -7.72 8.44
C ILE A 24 2.44 -7.84 9.21
N THR A 25 2.41 -7.75 10.54
CA THR A 25 3.63 -7.86 11.35
C THR A 25 4.00 -9.33 11.69
N GLU A 26 3.12 -10.29 11.40
CA GLU A 26 3.41 -11.68 11.77
C GLU A 26 3.34 -12.67 10.61
N PHE A 27 3.08 -12.19 9.39
CA PHE A 27 2.93 -13.09 8.24
C PHE A 27 3.61 -12.56 6.99
N GLY A 28 4.01 -13.47 6.11
CA GLY A 28 4.51 -13.11 4.80
C GLY A 28 5.78 -12.29 4.79
N VAL A 29 5.98 -11.54 3.70
CA VAL A 29 7.17 -10.71 3.51
C VAL A 29 7.31 -9.66 4.60
N THR A 30 6.20 -8.99 4.92
CA THR A 30 6.23 -7.93 5.91
C THR A 30 6.53 -8.48 7.29
N GLY A 31 6.02 -9.69 7.55
CA GLY A 31 6.31 -10.37 8.80
C GLY A 31 7.78 -10.69 8.94
N ARG A 32 8.42 -11.04 7.83
CA ARG A 32 9.84 -11.37 7.85
C ARG A 32 10.68 -10.09 7.93
N ALA A 33 10.17 -9.01 7.35
CA ALA A 33 10.83 -7.71 7.43
C ALA A 33 10.81 -7.18 8.86
N VAL A 34 9.73 -7.46 9.59
CA VAL A 34 9.63 -7.07 10.99
C VAL A 34 10.55 -7.93 11.85
N LYS A 35 10.56 -9.23 11.59
CA LYS A 35 11.38 -10.16 12.35
C LYS A 35 12.88 -9.90 12.17
N HIS A 36 13.25 -9.36 11.01
CA HIS A 36 14.66 -9.09 10.74
C HIS A 36 14.99 -7.62 10.97
N ASN A 37 14.12 -6.93 11.69
CA ASN A 37 14.32 -5.54 12.09
C ASN A 37 14.54 -4.57 10.93
N LEU A 38 14.03 -4.92 9.76
CA LEU A 38 14.08 -4.01 8.62
C LEU A 38 12.87 -3.08 8.64
N LEU A 39 11.80 -3.55 9.26
CA LEU A 39 10.56 -2.78 9.36
C LEU A 39 10.05 -2.79 10.79
N LYS A 40 9.71 -1.62 11.31
CA LYS A 40 9.14 -1.54 12.65
C LYS A 40 7.77 -0.88 12.60
N VAL A 41 6.77 -1.57 13.13
CA VAL A 41 5.41 -1.05 13.17
C VAL A 41 4.99 -0.87 14.62
N GLU A 42 4.70 0.37 15.00
CA GLU A 42 4.33 0.67 16.37
C GLU A 42 2.96 1.31 16.40
N CYS A 43 2.05 0.73 17.18
CA CYS A 43 0.65 1.15 17.22
C CYS A 43 0.29 1.92 18.48
N TRP A 44 -0.54 2.94 18.32
CA TRP A 44 -1.12 3.66 19.47
C TRP A 44 -2.63 3.64 19.35
N ASN A 45 -3.29 3.32 20.46
CA ASN A 45 -4.74 3.22 20.49
C ASN A 45 -5.33 4.44 21.17
N PRO A 46 -6.17 5.21 20.45
CA PRO A 46 -6.86 6.36 21.03
C PRO A 46 -7.63 6.02 22.31
N ARG A 47 -8.02 4.76 22.47
CA ARG A 47 -8.71 4.30 23.68
C ARG A 47 -7.84 4.48 24.93
N ASP A 48 -6.52 4.44 24.75
CA ASP A 48 -5.57 4.63 25.84
C ASP A 48 -5.35 6.10 26.17
N PHE A 49 -5.99 6.98 25.41
CA PHE A 49 -5.82 8.41 25.59
C PHE A 49 -7.11 9.10 26.01
N THR A 50 -8.04 8.31 26.53
CA THR A 50 -9.29 8.84 27.07
C THR A 50 -9.14 9.11 28.56
N PHE A 51 -10.13 9.77 29.15
CA PHE A 51 -10.08 10.07 30.58
C PHE A 51 -11.39 9.79 31.30
N ASP A 52 -12.44 9.45 30.54
CA ASP A 52 -13.70 9.07 31.15
C ASP A 52 -13.67 7.58 31.51
N LYS A 53 -14.60 7.15 32.35
CA LYS A 53 -14.59 5.79 32.87
C LYS A 53 -14.79 4.73 31.78
N HIS A 54 -15.53 5.08 30.73
CA HIS A 54 -15.85 4.11 29.70
C HIS A 54 -15.02 4.25 28.41
N LYS A 55 -13.99 5.10 28.48
CA LYS A 55 -13.04 5.24 27.39
C LYS A 55 -13.72 5.53 26.05
N THR A 56 -14.55 6.55 26.04
CA THR A 56 -15.32 6.93 24.86
C THR A 56 -14.41 7.48 23.75
N VAL A 57 -14.49 6.87 22.56
CA VAL A 57 -13.65 7.29 21.45
C VAL A 57 -14.44 7.78 20.25
N ASP A 58 -15.77 7.79 20.37
CA ASP A 58 -16.59 8.42 19.35
C ASP A 58 -17.30 9.67 19.88
N ASP A 59 -17.74 10.53 18.97
CA ASP A 59 -18.46 11.75 19.34
C ASP A 59 -19.53 12.06 18.32
N ARG A 60 -20.49 12.89 18.71
CA ARG A 60 -21.58 13.28 17.81
C ARG A 60 -21.21 14.50 17.00
N PRO A 61 -21.62 14.53 15.72
CA PRO A 61 -21.29 15.64 14.82
C PRO A 61 -22.14 16.88 15.08
N TYR A 62 -21.54 18.05 14.94
CA TYR A 62 -22.32 19.29 14.98
C TYR A 62 -23.28 19.31 13.79
N GLY A 63 -24.56 19.54 14.08
CA GLY A 63 -25.57 19.51 13.04
C GLY A 63 -26.48 18.30 13.19
N GLY A 64 -26.11 17.37 14.05
CA GLY A 64 -26.93 16.21 14.34
C GLY A 64 -26.83 15.12 13.30
N GLY A 65 -27.51 14.01 13.55
CA GLY A 65 -27.51 12.88 12.64
C GLY A 65 -26.91 11.63 13.26
N PRO A 66 -27.11 10.48 12.59
CA PRO A 66 -26.62 9.18 13.07
C PRO A 66 -25.14 8.96 12.75
N GLY A 67 -24.53 9.87 12.00
CA GLY A 67 -23.16 9.70 11.57
C GLY A 67 -22.14 10.05 12.64
N MET A 68 -21.73 9.05 13.42
CA MET A 68 -20.77 9.27 14.49
C MET A 68 -19.39 9.57 13.94
N LEU A 69 -18.60 10.30 14.73
CA LEU A 69 -17.24 10.64 14.35
C LEU A 69 -16.29 10.13 15.42
N MET A 70 -14.99 10.11 15.10
CA MET A 70 -13.99 9.85 16.12
C MET A 70 -13.88 11.06 17.03
N MET A 71 -13.81 10.82 18.34
CA MET A 71 -13.63 11.89 19.30
C MET A 71 -12.28 12.55 19.09
N VAL A 72 -12.27 13.87 19.03
CA VAL A 72 -11.06 14.61 18.65
C VAL A 72 -9.92 14.44 19.65
N GLN A 73 -10.21 14.61 20.93
CA GLN A 73 -9.17 14.63 21.95
C GLN A 73 -8.34 13.34 22.04
N PRO A 74 -8.99 12.16 22.15
CA PRO A 74 -8.15 10.95 22.24
C PRO A 74 -7.34 10.69 20.97
N LEU A 75 -7.94 10.98 19.81
CA LEU A 75 -7.27 10.79 18.54
C LEU A 75 -6.08 11.74 18.38
N ARG A 76 -6.31 13.01 18.68
CA ARG A 76 -5.28 14.05 18.58
C ARG A 76 -4.09 13.75 19.49
N ASP A 77 -4.38 13.29 20.71
CA ASP A 77 -3.34 13.02 21.68
C ASP A 77 -2.53 11.78 21.30
N ALA A 78 -3.17 10.81 20.67
CA ALA A 78 -2.47 9.64 20.16
C ALA A 78 -1.50 10.03 19.05
N ILE A 79 -1.94 10.93 18.17
CA ILE A 79 -1.10 11.41 17.08
C ILE A 79 0.11 12.16 17.64
N HIS A 80 -0.12 13.00 18.65
CA HIS A 80 0.96 13.76 19.28
C HIS A 80 2.00 12.84 19.91
N THR A 81 1.53 11.76 20.52
CA THR A 81 2.43 10.79 21.14
C THR A 81 3.26 10.06 20.08
N ALA A 82 2.62 9.77 18.95
CA ALA A 82 3.32 9.12 17.84
C ALA A 82 4.38 10.06 17.28
N LYS A 83 4.02 11.32 17.11
CA LYS A 83 4.96 12.34 16.64
C LYS A 83 6.17 12.43 17.54
N ALA A 84 5.94 12.36 18.85
CA ALA A 84 7.00 12.45 19.84
C ALA A 84 7.95 11.27 19.74
N ALA A 85 7.39 10.07 19.56
CA ALA A 85 8.19 8.85 19.44
C ALA A 85 9.00 8.88 18.15
N ALA A 86 8.41 9.39 17.08
CA ALA A 86 9.06 9.42 15.78
C ALA A 86 10.20 10.43 15.73
N GLY A 87 10.04 11.53 16.47
CA GLY A 87 10.97 12.63 16.38
C GLY A 87 10.69 13.42 15.12
N GLU A 88 11.69 14.14 14.63
CA GLU A 88 11.52 14.98 13.45
C GLU A 88 11.58 14.16 12.17
N GLY A 89 10.86 14.62 11.15
CA GLY A 89 10.92 14.00 9.83
C GLY A 89 9.84 12.97 9.55
N ALA A 90 8.88 12.85 10.45
CA ALA A 90 7.78 11.91 10.24
C ALA A 90 6.63 12.55 9.47
N LYS A 91 6.21 11.90 8.40
CA LYS A 91 5.08 12.39 7.61
C LYS A 91 3.79 11.73 8.08
N VAL A 92 2.81 12.56 8.42
CA VAL A 92 1.55 12.05 8.94
C VAL A 92 0.52 11.90 7.80
N ILE A 93 0.03 10.68 7.62
CA ILE A 93 -0.89 10.38 6.53
C ILE A 93 -2.21 9.88 7.08
N TYR A 94 -3.30 10.47 6.60
CA TYR A 94 -4.64 10.02 6.95
C TYR A 94 -5.19 9.14 5.84
N LEU A 95 -5.47 7.87 6.16
CA LEU A 95 -6.13 6.99 5.23
C LEU A 95 -7.57 7.46 5.08
N SER A 96 -7.91 7.86 3.86
CA SER A 96 -9.14 8.62 3.64
C SER A 96 -9.74 8.34 2.27
N PRO A 97 -11.08 8.21 2.21
CA PRO A 97 -11.76 8.02 0.91
C PRO A 97 -11.62 9.23 -0.05
N GLN A 98 -11.30 10.39 0.50
CA GLN A 98 -11.23 11.63 -0.26
C GLN A 98 -9.77 12.05 -0.44
N GLY A 99 -8.87 11.09 -0.23
CA GLY A 99 -7.46 11.36 -0.40
C GLY A 99 -7.04 11.23 -1.84
N ARG A 100 -5.75 11.45 -2.09
CA ARG A 100 -5.19 11.24 -3.41
C ARG A 100 -5.15 9.74 -3.70
N LYS A 101 -5.61 9.35 -4.89
CA LYS A 101 -5.65 7.94 -5.27
C LYS A 101 -4.26 7.30 -5.22
N LEU A 102 -4.14 6.21 -4.48
CA LEU A 102 -2.88 5.50 -4.40
C LEU A 102 -2.60 4.70 -5.67
N ASP A 103 -1.45 4.95 -6.28
CA ASP A 103 -0.95 4.14 -7.37
C ASP A 103 0.51 3.85 -7.10
N GLN A 104 1.17 3.14 -8.01
CA GLN A 104 2.55 2.72 -7.77
C GLN A 104 3.49 3.91 -7.74
N GLY A 105 3.14 4.95 -8.48
CA GLY A 105 3.89 6.20 -8.44
C GLY A 105 3.79 6.83 -7.07
N GLY A 106 2.58 6.83 -6.53
CA GLY A 106 2.32 7.34 -5.19
C GLY A 106 3.01 6.53 -4.12
N VAL A 107 3.03 5.21 -4.31
CA VAL A 107 3.72 4.31 -3.38
C VAL A 107 5.21 4.63 -3.35
N THR A 108 5.77 4.88 -4.53
CA THR A 108 7.18 5.18 -4.65
C THR A 108 7.55 6.44 -3.89
N GLU A 109 6.66 7.44 -3.95
CA GLU A 109 6.84 8.67 -3.19
C GLU A 109 6.87 8.40 -1.69
N LEU A 110 5.85 7.70 -1.20
CA LEU A 110 5.68 7.48 0.23
C LEU A 110 6.81 6.63 0.79
N ALA A 111 7.34 5.74 -0.04
CA ALA A 111 8.41 4.84 0.37
C ALA A 111 9.75 5.56 0.53
N GLN A 112 9.80 6.82 0.14
CA GLN A 112 11.01 7.62 0.32
C GLN A 112 11.11 8.18 1.73
N ASN A 113 10.05 7.97 2.51
CA ASN A 113 10.04 8.41 3.90
C ASN A 113 10.46 7.30 4.85
N GLN A 114 11.52 7.56 5.63
CA GLN A 114 12.01 6.59 6.60
C GLN A 114 11.03 6.45 7.76
N LYS A 115 10.28 7.52 8.01
CA LYS A 115 9.31 7.55 9.09
C LYS A 115 7.93 7.95 8.58
N LEU A 116 6.94 7.12 8.89
CA LEU A 116 5.56 7.41 8.52
C LEU A 116 4.66 7.22 9.72
N ILE A 117 3.63 8.06 9.80
CA ILE A 117 2.58 7.88 10.79
C ILE A 117 1.26 7.74 10.07
N LEU A 118 0.61 6.59 10.27
CA LEU A 118 -0.64 6.30 9.60
C LEU A 118 -1.83 6.42 10.56
N VAL A 119 -2.79 7.25 10.20
CA VAL A 119 -3.98 7.45 11.01
C VAL A 119 -5.17 6.72 10.39
N CYS A 120 -5.73 5.75 11.12
CA CYS A 120 -6.84 4.96 10.63
C CYS A 120 -8.16 5.45 11.21
N GLY A 121 -9.08 5.88 10.35
CA GLY A 121 -10.36 6.37 10.80
C GLY A 121 -11.37 5.26 11.00
N ARG A 122 -12.26 5.45 11.97
CA ARG A 122 -13.43 4.60 12.11
C ARG A 122 -14.68 5.47 12.01
N TYR A 123 -15.85 4.84 12.09
CA TYR A 123 -17.13 5.52 11.97
C TYR A 123 -17.18 6.32 10.66
N GLU A 124 -17.67 7.54 10.71
CA GLU A 124 -17.74 8.36 9.51
C GLU A 124 -16.43 9.12 9.28
N GLY A 125 -15.49 8.98 10.20
CA GLY A 125 -14.18 9.58 10.02
C GLY A 125 -13.78 10.55 11.11
N ILE A 126 -12.95 11.51 10.75
CA ILE A 126 -12.37 12.42 11.73
C ILE A 126 -12.74 13.87 11.46
N ASP A 127 -12.56 14.72 12.46
CA ASP A 127 -12.86 16.13 12.34
C ASP A 127 -12.03 16.77 11.22
N GLU A 128 -12.67 17.61 10.44
CA GLU A 128 -12.01 18.28 9.30
C GLU A 128 -10.82 19.14 9.74
N ARG A 129 -10.94 19.77 10.91
CA ARG A 129 -9.88 20.65 11.41
C ARG A 129 -8.63 19.90 11.85
N LEU A 130 -8.79 18.60 12.17
CA LEU A 130 -7.65 17.76 12.52
C LEU A 130 -6.78 17.51 11.30
N ILE A 131 -7.41 17.49 10.14
CA ILE A 131 -6.69 17.30 8.89
C ILE A 131 -5.77 18.49 8.64
N GLN A 132 -6.27 19.69 8.94
CA GLN A 132 -5.50 20.91 8.76
C GLN A 132 -4.38 21.05 9.79
N THR A 133 -4.65 20.62 11.03
CA THR A 133 -3.69 20.83 12.11
C THR A 133 -2.71 19.68 12.31
N GLU A 134 -3.09 18.47 11.93
CA GLU A 134 -2.26 17.30 12.26
C GLU A 134 -1.83 16.49 11.05
N ILE A 135 -2.64 16.49 10.01
CA ILE A 135 -2.40 15.64 8.85
C ILE A 135 -1.58 16.36 7.77
N ASP A 136 -0.61 15.64 7.21
CA ASP A 136 0.20 16.17 6.11
C ASP A 136 -0.40 15.81 4.75
N GLU A 137 -0.79 14.55 4.59
CA GLU A 137 -1.35 14.08 3.32
C GLU A 137 -2.49 13.10 3.52
N GLU A 138 -3.47 13.14 2.62
CA GLU A 138 -4.56 12.15 2.61
C GLU A 138 -4.38 11.21 1.44
N TRP A 139 -4.61 9.93 1.67
CA TRP A 139 -4.45 8.92 0.62
C TRP A 139 -5.60 7.93 0.62
N SER A 140 -5.96 7.47 -0.58
CA SER A 140 -7.03 6.51 -0.76
C SER A 140 -6.58 5.32 -1.60
N ILE A 141 -6.94 4.12 -1.18
CA ILE A 141 -6.58 2.93 -1.94
C ILE A 141 -7.62 2.59 -3.01
N GLY A 142 -8.77 3.27 -2.96
CA GLY A 142 -9.81 3.02 -3.95
C GLY A 142 -11.14 3.71 -3.74
N ASP A 143 -11.96 3.73 -4.77
CA ASP A 143 -13.28 4.36 -4.69
C ASP A 143 -14.37 3.34 -4.33
N TYR A 144 -14.45 2.97 -3.06
CA TYR A 144 -15.48 2.07 -2.58
C TYR A 144 -15.62 2.27 -1.08
N VAL A 145 -16.73 1.82 -0.51
CA VAL A 145 -17.02 2.18 0.88
C VAL A 145 -16.58 1.10 1.88
N LEU A 146 -15.76 1.51 2.83
CA LEU A 146 -15.33 0.59 3.87
C LEU A 146 -15.84 0.98 5.26
N THR A 147 -15.42 0.23 6.28
CA THR A 147 -15.86 0.51 7.65
C THR A 147 -14.71 0.99 8.53
N GLY A 148 -13.51 1.01 7.96
CA GLY A 148 -12.33 1.44 8.69
C GLY A 148 -11.14 1.70 7.79
N GLY A 149 -10.14 2.39 8.32
CA GLY A 149 -8.94 2.70 7.56
C GLY A 149 -7.79 1.76 7.81
N GLU A 150 -8.00 0.77 8.68
CA GLU A 150 -6.95 -0.20 9.03
C GLU A 150 -6.50 -1.02 7.81
N LEU A 151 -7.46 -1.59 7.09
CA LEU A 151 -7.12 -2.39 5.92
C LEU A 151 -6.39 -1.56 4.86
N PRO A 152 -6.88 -0.35 4.53
CA PRO A 152 -6.08 0.45 3.60
C PRO A 152 -4.68 0.75 4.13
N ALA A 153 -4.57 0.99 5.44
CA ALA A 153 -3.28 1.27 6.07
C ALA A 153 -2.32 0.10 5.92
N MET A 154 -2.83 -1.11 6.13
CA MET A 154 -2.01 -2.31 5.99
C MET A 154 -1.63 -2.55 4.54
N THR A 155 -2.52 -2.17 3.61
CA THR A 155 -2.24 -2.24 2.18
C THR A 155 -1.07 -1.33 1.84
N LEU A 156 -1.13 -0.09 2.35
CA LEU A 156 -0.06 0.88 2.13
C LEU A 156 1.27 0.36 2.67
N ILE A 157 1.25 -0.17 3.90
CA ILE A 157 2.45 -0.71 4.52
C ILE A 157 3.04 -1.82 3.68
N ASP A 158 2.19 -2.74 3.24
CA ASP A 158 2.60 -3.87 2.40
C ASP A 158 3.28 -3.40 1.12
N ALA A 159 2.75 -2.33 0.52
CA ALA A 159 3.28 -1.81 -0.74
C ALA A 159 4.60 -1.07 -0.57
N VAL A 160 4.75 -0.30 0.52
CA VAL A 160 5.99 0.44 0.73
C VAL A 160 7.10 -0.44 1.29
N ALA A 161 6.71 -1.55 1.94
CA ALA A 161 7.69 -2.43 2.56
C ALA A 161 8.61 -3.08 1.53
N ARG A 162 8.12 -3.20 0.30
CA ARG A 162 8.90 -3.76 -0.79
C ARG A 162 10.11 -2.88 -1.16
N PHE A 163 10.06 -1.62 -0.74
CA PHE A 163 11.10 -0.67 -1.07
C PHE A 163 12.21 -0.63 -0.01
N ILE A 164 11.95 -1.23 1.15
CA ILE A 164 12.92 -1.25 2.23
C ILE A 164 14.17 -2.03 1.84
N PRO A 165 15.35 -1.41 1.98
CA PRO A 165 16.61 -2.11 1.72
C PRO A 165 16.76 -3.34 2.62
N GLY A 166 17.07 -4.47 2.01
CA GLY A 166 17.18 -5.71 2.76
C GLY A 166 15.99 -6.62 2.53
N VAL A 167 14.91 -6.04 2.00
CA VAL A 167 13.73 -6.81 1.63
C VAL A 167 13.81 -7.24 0.17
N LEU A 168 13.69 -8.54 -0.07
CA LEU A 168 13.77 -9.16 -1.39
C LEU A 168 14.85 -8.57 -2.32
N GLY A 169 16.12 -8.69 -1.94
CA GLY A 169 16.53 -9.37 -0.73
C GLY A 169 18.02 -9.62 -0.65
N ASP A 181 7.72 -4.25 -13.57
CA ASP A 181 8.08 -2.88 -13.18
C ASP A 181 6.83 -2.02 -13.04
N GLY A 182 5.74 -2.62 -12.56
CA GLY A 182 4.48 -1.90 -12.42
C GLY A 182 3.49 -2.25 -13.50
N LEU A 183 3.99 -2.66 -14.66
CA LEU A 183 3.11 -3.12 -15.74
C LEU A 183 2.50 -4.45 -15.37
N LEU A 184 1.35 -4.77 -15.96
CA LEU A 184 0.68 -6.05 -15.71
C LEU A 184 1.56 -7.20 -16.15
N ASP A 185 1.57 -8.28 -15.37
CA ASP A 185 2.39 -9.44 -15.66
C ASP A 185 1.90 -10.20 -16.88
N CYS A 186 2.84 -10.87 -17.55
CA CYS A 186 2.50 -11.83 -18.58
C CYS A 186 1.77 -13.01 -17.93
N PRO A 187 1.03 -13.79 -18.73
CA PRO A 187 0.43 -15.02 -18.19
C PRO A 187 1.49 -15.95 -17.61
N HIS A 188 1.22 -16.49 -16.42
CA HIS A 188 2.16 -17.38 -15.75
C HIS A 188 1.80 -18.84 -15.99
N TYR A 189 2.82 -19.68 -16.12
CA TYR A 189 2.61 -21.12 -16.28
C TYR A 189 3.59 -21.93 -15.45
N THR A 190 3.06 -22.88 -14.69
CA THR A 190 3.89 -23.82 -13.97
C THR A 190 3.34 -25.24 -14.17
N ARG A 191 3.93 -26.23 -13.49
CA ARG A 191 3.51 -27.62 -13.65
C ARG A 191 2.03 -27.78 -13.33
N PRO A 192 1.34 -28.71 -14.03
CA PRO A 192 1.88 -29.63 -15.04
C PRO A 192 1.88 -29.06 -16.46
N GLU A 193 2.49 -29.78 -17.39
CA GLU A 193 2.58 -29.36 -18.78
C GLU A 193 1.20 -29.26 -19.41
N VAL A 194 0.32 -30.18 -19.04
CA VAL A 194 -1.05 -30.19 -19.53
C VAL A 194 -2.01 -30.22 -18.34
N LEU A 195 -2.78 -29.15 -18.18
CA LEU A 195 -3.69 -29.02 -17.05
C LEU A 195 -5.14 -29.09 -17.53
N GLU A 196 -5.80 -30.22 -17.26
CA GLU A 196 -7.15 -30.48 -17.73
C GLU A 196 -7.27 -30.22 -19.23
N GLY A 197 -6.31 -30.72 -20.00
CA GLY A 197 -6.32 -30.55 -21.43
C GLY A 197 -5.66 -29.29 -21.94
N LEU A 198 -5.47 -28.31 -21.05
CA LEU A 198 -4.84 -27.05 -21.44
C LEU A 198 -3.32 -27.13 -21.37
N THR A 199 -2.67 -26.83 -22.48
CA THR A 199 -1.22 -26.95 -22.57
C THR A 199 -0.49 -25.61 -22.35
N VAL A 200 0.76 -25.70 -21.95
CA VAL A 200 1.63 -24.53 -21.81
C VAL A 200 2.08 -24.09 -23.20
N PRO A 201 2.12 -22.77 -23.45
CA PRO A 201 2.69 -22.24 -24.69
C PRO A 201 4.07 -22.84 -24.98
N PRO A 202 4.24 -23.47 -26.15
CA PRO A 202 5.44 -24.22 -26.53
C PRO A 202 6.74 -23.45 -26.32
N VAL A 203 6.72 -22.14 -26.51
CA VAL A 203 7.92 -21.32 -26.34
C VAL A 203 8.47 -21.41 -24.92
N LEU A 204 7.59 -21.57 -23.94
CA LEU A 204 8.01 -21.68 -22.55
C LEU A 204 8.62 -23.03 -22.25
N MET A 205 8.32 -24.03 -23.09
CA MET A 205 8.87 -25.36 -22.94
C MET A 205 10.15 -25.53 -23.76
N SER A 206 10.38 -24.58 -24.67
CA SER A 206 11.41 -24.72 -25.70
C SER A 206 12.83 -24.71 -25.14
N GLY A 207 13.09 -23.89 -24.13
CA GLY A 207 14.43 -23.76 -23.61
C GLY A 207 15.19 -22.65 -24.32
N HIS A 208 14.52 -21.98 -25.26
CA HIS A 208 15.09 -20.83 -25.95
C HIS A 208 14.79 -19.56 -25.17
N HIS A 209 15.71 -19.20 -24.29
CA HIS A 209 15.45 -18.15 -23.31
C HIS A 209 15.36 -16.75 -23.92
N GLU A 210 16.01 -16.54 -25.06
CA GLU A 210 15.86 -15.26 -25.76
C GLU A 210 14.46 -15.14 -26.36
N GLU A 211 13.92 -16.26 -26.85
CA GLU A 211 12.55 -16.27 -27.35
C GLU A 211 11.55 -16.11 -26.21
N ILE A 212 11.86 -16.72 -25.08
CA ILE A 212 11.02 -16.63 -23.89
C ILE A 212 10.98 -15.20 -23.36
N ARG A 213 12.13 -14.55 -23.37
CA ARG A 213 12.23 -13.15 -22.92
C ARG A 213 11.34 -12.25 -23.76
N LYS A 214 11.40 -12.39 -25.08
CA LYS A 214 10.61 -11.55 -25.98
C LYS A 214 9.13 -11.82 -25.82
N TRP A 215 8.78 -13.10 -25.68
CA TRP A 215 7.39 -13.50 -25.54
C TRP A 215 6.76 -12.93 -24.27
N ARG A 216 7.46 -13.08 -23.15
CA ARG A 216 6.95 -12.59 -21.86
C ARG A 216 6.75 -11.07 -21.87
N LEU A 217 7.68 -10.37 -22.49
CA LEU A 217 7.61 -8.91 -22.57
C LEU A 217 6.42 -8.48 -23.41
N LYS A 218 6.24 -9.16 -24.54
CA LYS A 218 5.14 -8.88 -25.46
C LYS A 218 3.79 -9.13 -24.80
N GLN A 219 3.66 -10.25 -24.10
CA GLN A 219 2.41 -10.62 -23.44
C GLN A 219 2.09 -9.65 -22.31
N SER A 220 3.12 -9.15 -21.65
CA SER A 220 2.94 -8.16 -20.59
C SER A 220 2.42 -6.83 -21.14
N LEU A 221 2.96 -6.41 -22.29
CA LEU A 221 2.55 -5.17 -22.92
C LEU A 221 1.13 -5.25 -23.46
N GLN A 222 0.80 -6.38 -24.08
CA GLN A 222 -0.53 -6.59 -24.65
C GLN A 222 -1.59 -6.60 -23.56
N ARG A 223 -1.34 -7.34 -22.49
CA ARG A 223 -2.28 -7.44 -21.39
C ARG A 223 -2.46 -6.11 -20.68
N THR A 224 -1.38 -5.35 -20.55
CA THR A 224 -1.45 -4.01 -19.97
C THR A 224 -2.30 -3.12 -20.87
N TRP A 225 -2.06 -3.22 -22.17
CA TRP A 225 -2.80 -2.43 -23.16
C TRP A 225 -4.30 -2.76 -23.14
N LEU A 226 -4.63 -4.02 -22.93
CA LEU A 226 -6.02 -4.46 -22.97
C LEU A 226 -6.77 -4.22 -21.65
N ARG A 227 -6.08 -4.35 -20.53
CA ARG A 227 -6.76 -4.29 -19.24
C ARG A 227 -6.49 -3.02 -18.43
N ARG A 228 -5.30 -2.46 -18.58
CA ARG A 228 -4.95 -1.19 -17.91
C ARG A 228 -4.20 -0.24 -18.83
N PRO A 229 -4.83 0.18 -19.94
CA PRO A 229 -4.13 1.04 -20.91
C PRO A 229 -3.65 2.35 -20.30
N GLU A 230 -4.23 2.75 -19.17
CA GLU A 230 -3.84 3.99 -18.49
C GLU A 230 -2.41 3.91 -17.96
N LEU A 231 -1.96 2.71 -17.63
CA LEU A 231 -0.61 2.52 -17.10
C LEU A 231 0.48 2.82 -18.14
N LEU A 232 0.12 2.76 -19.41
CA LEU A 232 1.07 3.03 -20.49
C LEU A 232 1.16 4.52 -20.82
N GLU A 233 0.21 5.29 -20.28
CA GLU A 233 0.11 6.70 -20.63
C GLU A 233 1.16 7.58 -19.96
N GLY A 234 1.84 7.05 -18.95
CA GLY A 234 2.86 7.82 -18.26
C GLY A 234 4.27 7.30 -18.51
N LEU A 235 4.43 6.53 -19.58
CA LEU A 235 5.70 5.90 -19.88
C LEU A 235 6.16 6.16 -21.31
N ALA A 236 7.44 6.43 -21.48
CA ALA A 236 8.04 6.41 -22.80
C ALA A 236 8.73 5.06 -23.01
N LEU A 237 8.03 4.15 -23.69
CA LEU A 237 8.48 2.77 -23.86
C LEU A 237 9.76 2.64 -24.67
N THR A 238 10.52 1.58 -24.41
CA THR A 238 11.74 1.32 -25.17
C THR A 238 11.41 0.89 -26.60
N ASP A 239 12.42 0.94 -27.46
CA ASP A 239 12.24 0.60 -28.86
C ASP A 239 11.74 -0.83 -29.05
N GLU A 240 12.27 -1.76 -28.26
CA GLU A 240 11.82 -3.14 -28.32
C GLU A 240 10.38 -3.28 -27.85
N GLN A 241 10.03 -2.56 -26.79
CA GLN A 241 8.69 -2.61 -26.23
C GLN A 241 7.66 -2.04 -27.19
N ARG A 242 8.00 -0.93 -27.83
CA ARG A 242 7.12 -0.33 -28.83
C ARG A 242 6.95 -1.26 -30.03
N LYS A 243 8.01 -1.95 -30.41
CA LYS A 243 7.97 -2.89 -31.52
C LYS A 243 7.07 -4.09 -31.21
N LEU A 244 7.24 -4.65 -30.01
CA LEU A 244 6.46 -5.80 -29.59
C LEU A 244 5.00 -5.46 -29.36
N LEU A 245 4.74 -4.28 -28.80
CA LEU A 245 3.37 -3.85 -28.54
C LEU A 245 2.61 -3.63 -29.84
N LYS A 246 3.27 -3.01 -30.82
CA LYS A 246 2.67 -2.80 -32.14
C LYS A 246 2.31 -4.11 -32.81
N GLU A 247 3.16 -5.12 -32.63
CA GLU A 247 2.91 -6.45 -33.17
C GLU A 247 1.69 -7.07 -32.51
N ALA A 248 1.62 -6.97 -31.18
CA ALA A 248 0.51 -7.57 -30.43
C ALA A 248 -0.80 -6.88 -30.76
N GLN A 249 -0.75 -5.58 -30.99
CA GLN A 249 -1.94 -4.81 -31.33
C GLN A 249 -2.47 -5.20 -32.70
N ALA A 250 -1.57 -5.40 -33.64
CA ALA A 250 -1.96 -5.79 -34.99
C ALA A 250 -2.52 -7.21 -35.02
N GLU A 251 -1.88 -8.10 -34.26
CA GLU A 251 -2.32 -9.50 -34.19
C GLU A 251 -3.66 -9.62 -33.48
N HIS A 252 -3.88 -8.76 -32.49
CA HIS A 252 -5.13 -8.79 -31.72
C HIS A 252 -6.31 -8.35 -32.57
N ASN A 253 -6.06 -7.42 -33.50
CA ASN A 253 -7.12 -6.92 -34.36
C ASN A 253 -6.86 -7.26 -35.83
C3 4G1 B . -17.82 8.25 1.32
C17 4G1 B . -12.13 3.37 1.18
C4 4G1 B . -17.43 7.45 2.39
C16 4G1 B . -12.59 3.79 2.48
C2 4G1 B . -17.39 7.96 0.04
C18 4G1 B . -10.83 3.49 0.80
C6 4G1 B . -16.17 6.06 0.87
C20 4G1 B . -9.21 4.91 3.69
C21 4G1 B . -10.35 4.45 3.06
C5 4G1 B . -16.61 6.36 2.16
C15 4G1 B . -11.74 4.32 3.39
C1 4G1 B . -16.55 6.87 -0.19
C19 4G1 B . -9.91 4.04 1.74
C7 4G1 B . -16.17 5.47 3.25
C14 4G1 B . -12.21 4.79 4.71
C11 4G1 B . -13.26 6.67 7.77
C12 4G1 B . -13.73 5.40 8.41
C10 4G1 B . -13.96 6.73 6.42
C13 4G1 B . -13.97 4.42 7.27
C9 4G1 B . -14.32 5.28 6.04
C 4G1 B . -16.06 6.53 -1.56
C8 4G1 B . -15.85 5.16 5.69
N2 4G1 B . -8.57 4.26 1.65
N1 4G1 B . -13.59 4.83 4.83
N 4G1 B . -16.25 5.99 4.54
O 4G1 B . -15.76 4.32 3.05
O1 4G1 B . -11.43 5.09 5.60
O2 4G1 B . -8.16 4.78 2.83
#